data_3W7F
#
_entry.id   3W7F
#
_cell.length_a   80.060
_cell.length_b   80.060
_cell.length_c   183.120
_cell.angle_alpha   90.00
_cell.angle_beta   90.00
_cell.angle_gamma   120.00
#
_symmetry.space_group_name_H-M   'P 31 2 1'
#
loop_
_entity.id
_entity.type
_entity.pdbx_description
1 polymer 'Dehydrosqualene synthase'
2 non-polymer 'S-[(2E,6E)-3,7,11-TRIMETHYLDODECA-2,6,10-TRIENYL] TRIHYDROGEN THIODIPHOSPHATE'
3 non-polymer 'MAGNESIUM ION'
4 water water
#
_entity_poly.entity_id   1
_entity_poly.type   'polypeptide(L)'
_entity_poly.pdbx_seq_one_letter_code
;AAAAAAMTMMDMNFKYCHKIMKKHSKSFSYAFDLLPEDQRKAVWAIYAVCRKIDDSIDVYGDIQFLNQIKEDIQSIEKYP
YEYHHFQSDRRIMMALQHVAQHKNIAFQSFYNLIDTVYKDQHFTMFETDAELFGYCYGVAGTVGEVLTPILSDHETHQTY
DVARRLGESLQLINILRDVGEDFENERIYFSKQRLKQYEVDIAEVYQNGVNNHYIDLWEYYAAIAEKDFRDVMDQIKVFS
IEAQPIIELAARIYIEILDEVRQANYTLHERVFVEKRKKAKLFHEINSKYHRI
;
_entity_poly.pdbx_strand_id   A,B
#
# COMPACT_ATOMS: atom_id res chain seq x y z
N MET A 7 28.02 6.69 -0.63
CA MET A 7 26.85 6.85 -1.57
C MET A 7 26.59 8.30 -1.97
N THR A 8 26.56 8.57 -3.27
CA THR A 8 26.32 9.92 -3.78
C THR A 8 24.85 10.30 -3.59
N MET A 9 24.53 11.58 -3.77
CA MET A 9 23.15 12.02 -3.63
C MET A 9 22.22 11.35 -4.63
N MET A 10 22.62 11.36 -5.89
CA MET A 10 21.84 10.73 -6.94
C MET A 10 21.58 9.26 -6.55
N ASP A 11 22.60 8.55 -6.06
CA ASP A 11 22.38 7.17 -5.64
C ASP A 11 21.20 7.11 -4.71
N MET A 12 21.13 8.07 -3.78
CA MET A 12 20.07 8.18 -2.79
C MET A 12 18.72 8.38 -3.43
N ASN A 13 18.70 9.17 -4.51
CA ASN A 13 17.45 9.42 -5.21
C ASN A 13 16.93 8.12 -5.83
N PHE A 14 17.81 7.35 -6.42
CA PHE A 14 17.41 6.09 -7.04
C PHE A 14 17.02 5.08 -5.97
N LYS A 15 17.70 5.12 -4.83
CA LYS A 15 17.36 4.22 -3.76
C LYS A 15 15.93 4.57 -3.20
N TYR A 16 15.54 5.85 -3.23
CA TYR A 16 14.20 6.15 -2.79
C TYR A 16 13.20 5.54 -3.82
N CYS A 17 13.51 5.62 -5.13
CA CYS A 17 12.63 5.08 -6.13
C CYS A 17 12.50 3.59 -5.91
N HIS A 18 13.62 2.94 -5.63
CA HIS A 18 13.61 1.52 -5.39
C HIS A 18 12.64 1.14 -4.23
N LYS A 19 12.70 1.89 -3.14
CA LYS A 19 11.86 1.67 -1.98
C LYS A 19 10.38 1.76 -2.40
N ILE A 20 10.03 2.79 -3.17
CA ILE A 20 8.66 2.93 -3.59
C ILE A 20 8.18 1.70 -4.40
N MET A 21 9.04 1.21 -5.28
CA MET A 21 8.67 0.04 -6.06
C MET A 21 8.59 -1.21 -5.15
N LYS A 22 9.53 -1.37 -4.23
CA LYS A 22 9.45 -2.51 -3.31
C LYS A 22 8.12 -2.46 -2.52
N LYS A 23 7.71 -1.27 -2.12
CA LYS A 23 6.48 -1.14 -1.37
C LYS A 23 5.20 -1.42 -2.19
N HIS A 24 5.11 -0.93 -3.42
CA HIS A 24 3.88 -1.10 -4.17
C HIS A 24 3.77 -2.20 -5.21
N SER A 25 4.89 -2.76 -5.64
CA SER A 25 4.82 -3.76 -6.68
C SER A 25 5.23 -5.09 -6.11
N LYS A 26 4.26 -5.71 -5.46
CA LYS A 26 4.48 -7.01 -4.89
C LYS A 26 4.74 -8.01 -6.04
N SER A 27 4.14 -7.79 -7.19
CA SER A 27 4.39 -8.70 -8.30
C SER A 27 5.70 -8.51 -9.10
N PHE A 28 6.09 -7.26 -9.37
CA PHE A 28 7.25 -7.03 -10.22
C PHE A 28 8.56 -6.56 -9.65
N SER A 29 8.57 -6.11 -8.39
CA SER A 29 9.82 -5.67 -7.80
C SER A 29 10.85 -6.78 -7.92
N TYR A 30 10.49 -7.98 -7.47
CA TYR A 30 11.38 -9.14 -7.52
C TYR A 30 12.00 -9.33 -8.90
N ALA A 31 11.15 -9.31 -9.90
CA ALA A 31 11.59 -9.54 -11.26
C ALA A 31 12.52 -8.48 -11.81
N PHE A 32 12.12 -7.22 -11.74
CA PHE A 32 12.98 -6.18 -12.30
C PHE A 32 14.27 -5.91 -11.60
N ASP A 33 14.38 -6.37 -10.37
CA ASP A 33 15.62 -6.12 -9.64
C ASP A 33 16.72 -7.05 -10.09
N LEU A 34 16.37 -8.01 -10.94
CA LEU A 34 17.34 -8.97 -11.45
C LEU A 34 18.13 -8.33 -12.57
N LEU A 35 17.69 -7.18 -13.08
CA LEU A 35 18.42 -6.55 -14.18
C LEU A 35 19.77 -5.97 -13.76
N PRO A 36 20.65 -5.69 -14.75
CA PRO A 36 21.95 -5.11 -14.41
C PRO A 36 21.63 -3.74 -13.73
N GLU A 37 22.55 -3.26 -12.90
CA GLU A 37 22.37 -2.00 -12.20
C GLU A 37 21.81 -0.82 -13.00
N ASP A 38 22.51 -0.36 -14.02
CA ASP A 38 22.04 0.82 -14.79
C ASP A 38 20.57 0.73 -15.28
N GLN A 39 20.21 -0.44 -15.81
CA GLN A 39 18.87 -0.68 -16.28
C GLN A 39 17.82 -0.79 -15.17
N ARG A 40 18.19 -1.37 -14.06
CA ARG A 40 17.15 -1.49 -13.06
C ARG A 40 16.96 -0.19 -12.28
N LYS A 41 17.96 0.67 -12.30
CA LYS A 41 17.87 1.95 -11.62
C LYS A 41 16.93 2.81 -12.42
N ALA A 42 17.03 2.74 -13.74
CA ALA A 42 16.13 3.51 -14.59
C ALA A 42 14.68 3.08 -14.43
N VAL A 43 14.46 1.77 -14.35
CA VAL A 43 13.11 1.18 -14.18
C VAL A 43 12.50 1.64 -12.84
N TRP A 44 13.29 1.61 -11.75
CA TRP A 44 12.79 2.10 -10.47
C TRP A 44 12.31 3.56 -10.63
N ALA A 45 13.09 4.38 -11.36
CA ALA A 45 12.70 5.79 -11.59
C ALA A 45 11.42 5.85 -12.34
N ILE A 46 11.34 5.10 -13.42
CA ILE A 46 10.12 5.12 -14.18
C ILE A 46 8.91 4.66 -13.38
N TYR A 47 9.06 3.62 -12.59
CA TYR A 47 8.02 3.04 -11.77
C TYR A 47 7.58 4.04 -10.75
N ALA A 48 8.57 4.63 -10.05
CA ALA A 48 8.23 5.63 -9.04
C ALA A 48 7.44 6.79 -9.66
N VAL A 49 7.81 7.19 -10.87
CA VAL A 49 7.08 8.32 -11.52
C VAL A 49 5.64 7.88 -11.82
N CYS A 50 5.53 6.69 -12.40
CA CYS A 50 4.21 6.17 -12.77
C CYS A 50 3.30 5.94 -11.57
N ARG A 51 3.90 5.43 -10.48
CA ARG A 51 3.24 5.13 -9.21
C ARG A 51 2.71 6.37 -8.50
N LYS A 52 3.47 7.46 -8.60
CA LYS A 52 3.08 8.73 -7.99
C LYS A 52 1.96 9.28 -8.80
N ILE A 53 2.05 9.08 -10.11
CA ILE A 53 0.97 9.57 -10.95
C ILE A 53 -0.33 8.84 -10.67
N ASP A 54 -0.25 7.51 -10.66
CA ASP A 54 -1.43 6.72 -10.42
C ASP A 54 -2.05 6.94 -9.03
N ASP A 55 -1.21 7.15 -8.01
CA ASP A 55 -1.68 7.42 -6.65
C ASP A 55 -2.07 8.90 -6.45
N SER A 56 -1.53 9.82 -7.27
CA SER A 56 -1.78 11.25 -7.06
C SER A 56 -3.22 11.48 -6.63
N ILE A 57 -4.15 10.88 -7.39
CA ILE A 57 -5.58 10.99 -7.13
C ILE A 57 -6.17 9.79 -6.37
N ASP A 58 -6.01 8.56 -6.90
CA ASP A 58 -6.53 7.34 -6.25
C ASP A 58 -6.25 7.31 -4.75
N VAL A 59 -5.02 7.61 -4.38
CA VAL A 59 -4.63 7.53 -2.99
C VAL A 59 -4.57 8.85 -2.24
N TYR A 60 -3.98 9.91 -2.80
CA TYR A 60 -3.93 11.16 -2.06
C TYR A 60 -5.11 12.05 -2.46
N GLY A 61 -5.95 11.59 -3.38
CA GLY A 61 -7.06 12.41 -3.83
C GLY A 61 -6.60 13.68 -4.56
N ASP A 62 -5.36 14.07 -4.27
CA ASP A 62 -4.64 15.26 -4.78
C ASP A 62 -4.51 15.52 -6.30
N ILE A 63 -5.32 16.43 -6.84
CA ILE A 63 -5.29 16.77 -8.27
C ILE A 63 -4.24 17.83 -8.60
N GLN A 64 -3.89 18.64 -7.60
CA GLN A 64 -2.87 19.68 -7.75
C GLN A 64 -1.52 18.96 -7.85
N PHE A 65 -1.36 17.90 -7.07
CA PHE A 65 -0.12 17.14 -7.04
C PHE A 65 0.10 16.53 -8.44
N LEU A 66 -0.96 15.97 -9.03
CA LEU A 66 -0.86 15.40 -10.36
C LEU A 66 -0.46 16.46 -11.38
N ASN A 67 -0.97 17.69 -11.23
CA ASN A 67 -0.62 18.80 -12.16
C ASN A 67 0.87 19.15 -12.00
N GLN A 68 1.38 19.05 -10.77
CA GLN A 68 2.79 19.34 -10.52
C GLN A 68 3.69 18.25 -11.19
N ILE A 69 3.27 16.99 -11.09
CA ILE A 69 4.04 15.93 -11.72
C ILE A 69 4.13 16.23 -13.21
N LYS A 70 3.03 16.62 -13.83
CA LYS A 70 3.03 16.89 -15.27
C LYS A 70 3.97 18.03 -15.60
N GLU A 71 3.90 19.07 -14.76
CA GLU A 71 4.76 20.24 -14.93
C GLU A 71 6.23 19.89 -14.85
N ASP A 72 6.55 19.06 -13.87
CA ASP A 72 7.91 18.60 -13.62
C ASP A 72 8.47 17.80 -14.86
N ILE A 73 7.64 16.92 -15.42
CA ILE A 73 8.05 16.10 -16.53
C ILE A 73 8.23 17.02 -17.75
N GLN A 74 7.33 18.01 -17.85
CA GLN A 74 7.40 18.99 -18.91
C GLN A 74 8.69 19.81 -18.88
N SER A 75 9.17 20.10 -17.68
CA SER A 75 10.40 20.86 -17.44
C SER A 75 11.65 20.06 -17.90
N ILE A 76 11.62 18.75 -17.63
CA ILE A 76 12.73 17.87 -17.97
C ILE A 76 12.80 17.69 -19.49
N GLU A 77 11.63 17.58 -20.12
CA GLU A 77 11.57 17.39 -21.55
C GLU A 77 12.12 18.59 -22.34
N LYS A 78 11.87 19.79 -21.84
CA LYS A 78 12.30 21.01 -22.49
C LYS A 78 13.74 21.44 -22.17
N TYR A 79 14.14 21.32 -20.90
CA TYR A 79 15.47 21.69 -20.43
C TYR A 79 16.08 20.53 -19.67
N PRO A 80 16.39 19.45 -20.39
CA PRO A 80 16.99 18.24 -19.79
C PRO A 80 18.25 18.51 -18.97
N TYR A 81 18.85 19.66 -19.23
CA TYR A 81 20.09 19.97 -18.58
C TYR A 81 20.11 21.06 -17.55
N GLU A 82 19.05 21.83 -17.44
CA GLU A 82 18.97 22.87 -16.39
C GLU A 82 18.61 22.26 -15.02
N TYR A 83 18.89 23.01 -13.95
CA TYR A 83 18.52 22.55 -12.63
C TYR A 83 17.12 23.09 -12.43
N HIS A 84 16.22 22.22 -11.98
CA HIS A 84 14.82 22.59 -11.76
C HIS A 84 14.40 22.45 -10.33
N HIS A 85 13.54 23.38 -9.91
CA HIS A 85 12.98 23.32 -8.58
C HIS A 85 11.68 22.52 -8.84
N PHE A 86 11.81 21.20 -8.71
CA PHE A 86 10.69 20.31 -8.94
C PHE A 86 9.60 20.53 -7.91
N GLN A 87 8.37 20.69 -8.38
CA GLN A 87 7.23 20.94 -7.49
C GLN A 87 6.57 19.68 -6.90
N SER A 88 6.74 18.50 -7.52
CA SER A 88 6.08 17.34 -6.96
C SER A 88 6.96 16.58 -6.01
N ASP A 89 7.66 15.54 -6.48
CA ASP A 89 8.55 14.78 -5.58
C ASP A 89 9.96 14.96 -6.16
N ARG A 90 10.80 15.76 -5.51
CA ARG A 90 12.14 16.06 -5.96
C ARG A 90 13.07 14.86 -6.25
N ARG A 91 13.14 13.89 -5.34
CA ARG A 91 14.02 12.74 -5.56
C ARG A 91 13.68 11.91 -6.78
N ILE A 92 12.40 11.72 -7.03
CA ILE A 92 11.95 10.95 -8.16
C ILE A 92 12.24 11.75 -9.45
N MET A 93 11.89 13.04 -9.44
CA MET A 93 12.12 13.84 -10.66
C MET A 93 13.59 13.98 -10.99
N MET A 94 14.46 14.01 -9.99
CA MET A 94 15.95 14.08 -10.24
C MET A 94 16.41 12.76 -10.88
N ALA A 95 15.90 11.64 -10.34
CA ALA A 95 16.27 10.38 -10.94
C ALA A 95 15.74 10.37 -12.36
N LEU A 96 14.52 10.87 -12.58
CA LEU A 96 14.01 10.81 -13.95
C LEU A 96 14.80 11.70 -14.93
N GLN A 97 15.18 12.88 -14.50
CA GLN A 97 15.96 13.75 -15.34
C GLN A 97 17.33 13.08 -15.57
N HIS A 98 17.85 12.40 -14.55
CA HIS A 98 19.13 11.75 -14.75
C HIS A 98 18.93 10.73 -15.88
N VAL A 99 17.92 9.88 -15.78
CA VAL A 99 17.69 8.91 -16.87
C VAL A 99 17.45 9.58 -18.26
N ALA A 100 16.74 10.72 -18.29
CA ALA A 100 16.49 11.36 -19.59
C ALA A 100 17.74 11.88 -20.27
N GLN A 101 18.83 12.02 -19.54
CA GLN A 101 20.06 12.52 -20.11
C GLN A 101 20.87 11.41 -20.76
N HIS A 102 20.40 10.17 -20.60
CA HIS A 102 21.11 9.00 -21.13
C HIS A 102 20.24 8.18 -22.05
N LYS A 103 18.92 8.31 -21.89
CA LYS A 103 18.00 7.55 -22.70
C LYS A 103 16.98 8.48 -23.34
N ASN A 104 16.29 7.95 -24.34
CA ASN A 104 15.26 8.65 -25.11
C ASN A 104 13.86 8.43 -24.53
N ILE A 105 13.51 9.19 -23.49
CA ILE A 105 12.20 9.10 -22.85
C ILE A 105 11.00 9.52 -23.73
N ALA A 106 10.00 8.64 -23.91
CA ALA A 106 8.81 8.98 -24.70
C ALA A 106 7.91 9.82 -23.82
N PHE A 107 8.20 11.08 -23.73
CA PHE A 107 7.43 11.99 -22.89
C PHE A 107 5.94 12.00 -23.16
N GLN A 108 5.59 11.82 -24.42
CA GLN A 108 4.19 11.82 -24.74
C GLN A 108 3.47 10.67 -24.07
N SER A 109 4.21 9.60 -23.77
CA SER A 109 3.60 8.45 -23.15
C SER A 109 3.24 8.73 -21.71
N PHE A 110 4.11 9.46 -20.97
CA PHE A 110 3.76 9.86 -19.61
C PHE A 110 2.52 10.76 -19.65
N TYR A 111 2.44 11.65 -20.66
CA TYR A 111 1.26 12.54 -20.82
C TYR A 111 -0.01 11.74 -21.10
N ASN A 112 0.10 10.71 -21.92
CA ASN A 112 -1.08 9.86 -22.17
C ASN A 112 -1.49 9.18 -20.87
N LEU A 113 -0.51 8.72 -20.10
CA LEU A 113 -0.80 8.04 -18.87
C LEU A 113 -1.52 9.03 -17.89
N ILE A 114 -1.00 10.25 -17.79
CA ILE A 114 -1.55 11.27 -16.91
C ILE A 114 -2.97 11.58 -17.31
N ASP A 115 -3.23 11.76 -18.60
CA ASP A 115 -4.60 12.02 -19.02
C ASP A 115 -5.57 10.85 -18.72
N THR A 116 -5.06 9.63 -18.75
CA THR A 116 -5.90 8.45 -18.53
C THR A 116 -6.19 8.27 -17.06
N VAL A 117 -5.21 8.60 -16.24
CA VAL A 117 -5.39 8.52 -14.80
C VAL A 117 -6.38 9.64 -14.43
N TYR A 118 -6.22 10.83 -15.00
CA TYR A 118 -7.16 11.89 -14.70
C TYR A 118 -8.62 11.53 -15.06
N LYS A 119 -8.87 11.20 -16.33
CA LYS A 119 -10.22 10.85 -16.79
C LYS A 119 -10.83 9.73 -15.99
N ASP A 120 -10.05 9.11 -15.11
CA ASP A 120 -10.59 8.02 -14.35
C ASP A 120 -11.37 8.50 -13.14
N GLN A 121 -11.62 9.80 -13.08
CA GLN A 121 -12.37 10.39 -11.99
C GLN A 121 -13.78 10.75 -12.50
N HIS A 122 -14.00 10.45 -13.78
CA HIS A 122 -15.27 10.65 -14.46
C HIS A 122 -15.54 9.22 -14.91
N PHE A 123 -15.14 8.25 -14.08
CA PHE A 123 -15.32 6.88 -14.51
C PHE A 123 -16.71 6.56 -15.05
N THR A 124 -16.74 6.04 -16.27
CA THR A 124 -17.95 5.65 -16.94
C THR A 124 -17.67 4.31 -17.56
N MET A 125 -18.52 3.34 -17.27
CA MET A 125 -18.32 2.04 -17.82
C MET A 125 -18.13 2.06 -19.32
N PHE A 126 -17.25 1.19 -19.78
CA PHE A 126 -16.94 1.02 -21.17
C PHE A 126 -18.16 0.43 -21.88
N GLU A 127 -18.51 0.99 -23.02
CA GLU A 127 -19.64 0.43 -23.70
C GLU A 127 -19.23 -0.74 -24.59
N THR A 128 -17.97 -0.78 -25.00
CA THR A 128 -17.46 -1.81 -25.88
C THR A 128 -16.06 -2.22 -25.49
N ASP A 129 -15.55 -3.31 -26.06
CA ASP A 129 -14.20 -3.78 -25.72
C ASP A 129 -13.17 -2.78 -26.25
N ALA A 130 -13.45 -2.18 -27.40
CA ALA A 130 -12.52 -1.22 -27.97
C ALA A 130 -12.30 -0.09 -27.01
N GLU A 131 -13.30 0.27 -26.23
CA GLU A 131 -13.03 1.33 -25.26
C GLU A 131 -12.19 0.73 -24.10
N LEU A 132 -12.45 -0.51 -23.71
CA LEU A 132 -11.66 -1.10 -22.64
C LEU A 132 -10.18 -1.23 -23.11
N PHE A 133 -9.96 -1.69 -24.34
CA PHE A 133 -8.62 -1.82 -24.85
C PHE A 133 -7.89 -0.51 -25.01
N GLY A 134 -8.60 0.57 -25.33
CA GLY A 134 -7.94 1.85 -25.46
C GLY A 134 -7.55 2.36 -24.11
N TYR A 135 -8.25 1.88 -23.10
CA TYR A 135 -7.93 2.26 -21.73
C TYR A 135 -6.66 1.49 -21.26
N CYS A 136 -6.49 0.25 -21.71
CA CYS A 136 -5.32 -0.56 -21.34
C CYS A 136 -4.07 0.09 -21.99
N TYR A 137 -4.23 0.69 -23.17
CA TYR A 137 -3.14 1.39 -23.77
C TYR A 137 -2.72 2.56 -22.83
N GLY A 138 -3.70 3.39 -22.48
CA GLY A 138 -3.43 4.56 -21.65
C GLY A 138 -2.78 4.31 -20.33
N VAL A 139 -3.21 3.28 -19.62
CA VAL A 139 -2.58 3.06 -18.32
C VAL A 139 -1.43 2.08 -18.30
N ALA A 140 -1.25 1.26 -19.33
CA ALA A 140 -0.13 0.32 -19.30
C ALA A 140 0.65 0.18 -20.64
N GLY A 141 -0.02 0.37 -21.80
CA GLY A 141 0.69 0.34 -23.08
C GLY A 141 1.74 1.44 -23.09
N THR A 142 1.39 2.56 -22.43
CA THR A 142 2.26 3.73 -22.33
C THR A 142 3.47 3.47 -21.49
N VAL A 143 3.32 2.69 -20.41
CA VAL A 143 4.47 2.34 -19.58
C VAL A 143 5.40 1.46 -20.45
N GLY A 144 4.84 0.54 -21.25
CA GLY A 144 5.65 -0.28 -22.15
C GLY A 144 6.47 0.64 -23.02
N GLU A 145 5.81 1.61 -23.63
CA GLU A 145 6.55 2.61 -24.46
C GLU A 145 7.60 3.33 -23.66
N VAL A 146 7.30 3.87 -22.48
CA VAL A 146 8.40 4.56 -21.82
C VAL A 146 9.52 3.58 -21.45
N LEU A 147 9.18 2.37 -21.06
CA LEU A 147 10.24 1.43 -20.73
C LEU A 147 11.10 0.94 -21.92
N THR A 148 10.63 1.11 -23.17
CA THR A 148 11.33 0.59 -24.35
C THR A 148 12.82 0.95 -24.50
N PRO A 149 13.17 2.25 -24.43
CA PRO A 149 14.62 2.48 -24.58
C PRO A 149 15.49 1.95 -23.47
N ILE A 150 14.91 1.47 -22.37
CA ILE A 150 15.72 1.03 -21.27
C ILE A 150 16.02 -0.45 -21.40
N LEU A 151 15.03 -1.20 -21.88
CA LEU A 151 15.12 -2.64 -22.02
C LEU A 151 15.59 -3.12 -23.39
N SER A 152 15.96 -2.21 -24.25
CA SER A 152 16.35 -2.61 -25.57
C SER A 152 17.30 -1.59 -26.14
N ASP A 153 18.14 -2.07 -27.06
CA ASP A 153 19.12 -1.25 -27.79
C ASP A 153 18.59 -0.91 -29.16
N HIS A 154 17.52 -1.61 -29.54
CA HIS A 154 16.88 -1.39 -30.84
C HIS A 154 15.57 -0.66 -30.70
N GLU A 155 15.65 0.65 -30.61
CA GLU A 155 14.43 1.41 -30.47
C GLU A 155 13.76 1.53 -31.82
N THR A 156 12.99 0.51 -32.18
CA THR A 156 12.24 0.52 -33.44
C THR A 156 10.75 0.20 -33.23
N HIS A 157 9.94 0.47 -34.24
CA HIS A 157 8.53 0.24 -34.12
C HIS A 157 8.16 -1.17 -33.66
N GLN A 158 8.87 -2.21 -34.09
CA GLN A 158 8.49 -3.55 -33.62
C GLN A 158 8.70 -3.67 -32.10
N THR A 159 9.71 -2.97 -31.57
CA THR A 159 10.00 -3.02 -30.13
C THR A 159 8.88 -2.35 -29.33
N TYR A 160 8.66 -1.07 -29.64
CA TYR A 160 7.59 -0.25 -29.05
C TYR A 160 6.31 -1.04 -29.09
N ASP A 161 6.06 -1.63 -30.23
CA ASP A 161 4.87 -2.43 -30.40
C ASP A 161 4.75 -3.70 -29.50
N VAL A 162 5.87 -4.40 -29.24
CA VAL A 162 5.75 -5.58 -28.37
C VAL A 162 5.60 -5.10 -26.91
N ALA A 163 6.35 -4.05 -26.58
CA ALA A 163 6.29 -3.43 -25.26
C ALA A 163 4.86 -2.96 -24.95
N ARG A 164 4.30 -2.18 -25.86
CA ARG A 164 2.93 -1.68 -25.76
C ARG A 164 1.93 -2.83 -25.60
N ARG A 165 2.08 -3.85 -26.43
CA ARG A 165 1.21 -5.03 -26.41
C ARG A 165 1.37 -5.85 -25.14
N LEU A 166 2.57 -5.91 -24.59
CA LEU A 166 2.78 -6.62 -23.35
C LEU A 166 2.09 -5.90 -22.17
N GLY A 167 2.34 -4.59 -22.06
CA GLY A 167 1.74 -3.81 -20.99
C GLY A 167 0.21 -3.88 -21.08
N GLU A 168 -0.37 -3.73 -22.27
CA GLU A 168 -1.86 -3.77 -22.37
C GLU A 168 -2.31 -5.14 -21.96
N SER A 169 -1.50 -6.13 -22.29
CA SER A 169 -1.83 -7.50 -21.92
C SER A 169 -1.75 -7.67 -20.40
N LEU A 170 -0.74 -7.12 -19.76
CA LEU A 170 -0.71 -7.28 -18.32
C LEU A 170 -1.84 -6.50 -17.63
N GLN A 171 -2.32 -5.40 -18.23
CA GLN A 171 -3.38 -4.62 -17.62
C GLN A 171 -4.67 -5.45 -17.62
N LEU A 172 -4.84 -6.25 -18.67
CA LEU A 172 -5.98 -7.11 -18.79
C LEU A 172 -5.94 -8.21 -17.69
N ILE A 173 -4.73 -8.77 -17.44
CA ILE A 173 -4.64 -9.79 -16.42
C ILE A 173 -4.94 -9.11 -15.09
N ASN A 174 -4.36 -7.94 -14.92
CA ASN A 174 -4.58 -7.16 -13.70
C ASN A 174 -6.06 -7.03 -13.43
N ILE A 175 -6.79 -6.59 -14.45
CA ILE A 175 -8.26 -6.43 -14.39
C ILE A 175 -8.90 -7.80 -13.99
N LEU A 176 -8.41 -8.92 -14.53
CA LEU A 176 -8.98 -10.21 -14.20
C LEU A 176 -8.68 -10.65 -12.78
N ARG A 177 -7.65 -10.10 -12.17
CA ARG A 177 -7.31 -10.45 -10.81
C ARG A 177 -8.10 -9.58 -9.88
N ASP A 178 -8.32 -8.34 -10.26
CA ASP A 178 -8.95 -7.40 -9.37
C ASP A 178 -10.46 -7.17 -9.51
N VAL A 179 -11.16 -8.00 -10.27
CA VAL A 179 -12.59 -7.77 -10.47
C VAL A 179 -13.31 -7.38 -9.18
N GLY A 180 -13.21 -8.22 -8.15
CA GLY A 180 -13.86 -7.97 -6.88
C GLY A 180 -13.46 -6.73 -6.12
N GLU A 181 -12.17 -6.44 -6.00
CA GLU A 181 -11.81 -5.25 -5.28
C GLU A 181 -12.14 -4.04 -6.12
N ASP A 182 -12.10 -4.18 -7.44
CA ASP A 182 -12.50 -3.07 -8.31
C ASP A 182 -14.01 -2.84 -8.20
N PHE A 183 -14.76 -3.88 -7.81
CA PHE A 183 -16.19 -3.67 -7.67
C PHE A 183 -16.43 -2.89 -6.38
N GLU A 184 -15.70 -3.23 -5.34
CA GLU A 184 -15.83 -2.52 -4.08
C GLU A 184 -15.53 -1.01 -4.25
N ASN A 185 -14.68 -0.69 -5.22
CA ASN A 185 -14.33 0.71 -5.45
C ASN A 185 -15.22 1.35 -6.47
N GLU A 186 -16.25 0.59 -6.84
CA GLU A 186 -17.24 1.02 -7.80
C GLU A 186 -16.69 1.13 -9.19
N ARG A 187 -15.95 0.12 -9.59
CA ARG A 187 -15.39 0.06 -10.92
C ARG A 187 -15.59 -1.32 -11.48
N ILE A 188 -16.09 -1.37 -12.72
CA ILE A 188 -16.28 -2.63 -13.45
C ILE A 188 -15.57 -2.36 -14.77
N TYR A 189 -14.50 -3.08 -15.08
CA TYR A 189 -13.81 -2.81 -16.31
C TYR A 189 -14.29 -3.61 -17.50
N PHE A 190 -15.10 -4.63 -17.26
CA PHE A 190 -15.64 -5.43 -18.34
C PHE A 190 -16.53 -4.46 -19.13
N SER A 191 -16.76 -4.68 -20.43
CA SER A 191 -17.62 -3.78 -21.19
C SER A 191 -19.09 -4.19 -21.10
N LYS A 192 -19.97 -3.23 -21.33
CA LYS A 192 -21.42 -3.50 -21.31
C LYS A 192 -21.80 -4.42 -22.48
N GLN A 193 -21.18 -4.22 -23.63
CA GLN A 193 -21.53 -5.10 -24.72
C GLN A 193 -21.27 -6.51 -24.24
N ARG A 194 -20.05 -6.80 -23.81
CA ARG A 194 -19.71 -8.14 -23.39
C ARG A 194 -20.40 -8.59 -22.10
N LEU A 195 -20.75 -7.65 -21.25
CA LEU A 195 -21.40 -8.00 -20.01
C LEU A 195 -22.85 -8.47 -20.31
N LYS A 196 -23.52 -7.76 -21.23
CA LYS A 196 -24.87 -8.14 -21.67
C LYS A 196 -24.78 -9.50 -22.38
N GLN A 197 -23.87 -9.62 -23.34
CA GLN A 197 -23.74 -10.84 -24.09
C GLN A 197 -23.55 -12.09 -23.24
N TYR A 198 -22.88 -11.98 -22.10
CA TYR A 198 -22.70 -13.16 -21.25
C TYR A 198 -23.71 -13.13 -20.10
N GLU A 199 -24.58 -12.14 -20.13
CA GLU A 199 -25.59 -12.06 -19.10
C GLU A 199 -24.97 -12.03 -17.71
N VAL A 200 -24.21 -11.00 -17.37
CA VAL A 200 -23.62 -10.94 -16.04
C VAL A 200 -23.81 -9.57 -15.46
N ASP A 201 -24.04 -9.55 -14.16
CA ASP A 201 -24.19 -8.32 -13.40
C ASP A 201 -23.15 -8.55 -12.32
N ILE A 202 -22.09 -7.74 -12.30
CA ILE A 202 -21.03 -7.97 -11.32
C ILE A 202 -21.47 -7.77 -9.88
N ALA A 203 -22.31 -6.78 -9.63
CA ALA A 203 -22.82 -6.57 -8.28
C ALA A 203 -23.41 -7.90 -7.72
N GLU A 204 -24.22 -8.54 -8.54
CA GLU A 204 -24.90 -9.79 -8.24
C GLU A 204 -23.95 -10.94 -7.95
N VAL A 205 -23.08 -11.27 -8.92
CA VAL A 205 -22.08 -12.34 -8.75
C VAL A 205 -21.23 -12.04 -7.52
N TYR A 206 -21.08 -10.77 -7.21
CA TYR A 206 -20.30 -10.36 -6.05
C TYR A 206 -21.01 -10.81 -4.81
N GLN A 207 -22.32 -10.56 -4.77
CA GLN A 207 -23.13 -10.95 -3.62
C GLN A 207 -23.38 -12.47 -3.49
N ASN A 208 -23.72 -13.14 -4.58
CA ASN A 208 -24.04 -14.57 -4.58
C ASN A 208 -22.98 -15.55 -5.01
N GLY A 209 -21.78 -15.07 -5.33
CA GLY A 209 -20.73 -15.98 -5.74
C GLY A 209 -20.66 -16.12 -7.24
N VAL A 210 -19.67 -16.85 -7.70
CA VAL A 210 -19.44 -17.08 -9.11
C VAL A 210 -20.58 -17.98 -9.61
N ASN A 211 -20.67 -18.14 -10.92
CA ASN A 211 -21.68 -18.99 -11.55
C ASN A 211 -21.03 -19.34 -12.85
N ASN A 212 -21.75 -19.96 -13.76
CA ASN A 212 -21.09 -20.33 -15.00
C ASN A 212 -21.08 -19.30 -16.10
N HIS A 213 -21.91 -18.26 -15.99
CA HIS A 213 -21.89 -17.24 -17.02
C HIS A 213 -20.69 -16.34 -16.77
N TYR A 214 -20.46 -16.00 -15.51
CA TYR A 214 -19.36 -15.15 -15.12
C TYR A 214 -18.05 -15.83 -15.52
N ILE A 215 -17.89 -17.09 -15.15
CA ILE A 215 -16.67 -17.81 -15.51
C ILE A 215 -16.41 -17.73 -17.02
N ASP A 216 -17.44 -17.88 -17.84
CA ASP A 216 -17.21 -17.79 -19.27
C ASP A 216 -16.85 -16.42 -19.76
N LEU A 217 -17.36 -15.40 -19.08
CA LEU A 217 -17.05 -14.04 -19.43
C LEU A 217 -15.57 -13.86 -19.12
N TRP A 218 -15.23 -14.16 -17.87
CA TRP A 218 -13.87 -14.05 -17.41
C TRP A 218 -12.91 -14.86 -18.28
N GLU A 219 -13.30 -16.06 -18.67
CA GLU A 219 -12.42 -16.89 -19.48
C GLU A 219 -12.26 -16.35 -20.89
N TYR A 220 -13.25 -15.59 -21.34
CA TYR A 220 -13.24 -14.95 -22.65
C TYR A 220 -12.13 -13.88 -22.67
N TYR A 221 -11.98 -13.16 -21.56
CA TYR A 221 -10.94 -12.17 -21.47
C TYR A 221 -9.58 -12.75 -21.14
N ALA A 222 -9.57 -13.84 -20.40
CA ALA A 222 -8.29 -14.44 -20.05
C ALA A 222 -7.73 -15.03 -21.31
N ALA A 223 -8.62 -15.50 -22.17
CA ALA A 223 -8.18 -16.07 -23.42
C ALA A 223 -7.55 -14.99 -24.31
N ILE A 224 -8.09 -13.76 -24.28
CA ILE A 224 -7.50 -12.68 -25.05
C ILE A 224 -6.13 -12.34 -24.50
N ALA A 225 -5.99 -12.28 -23.19
CA ALA A 225 -4.72 -11.95 -22.56
C ALA A 225 -3.63 -13.02 -22.80
N GLU A 226 -4.00 -14.29 -22.72
CA GLU A 226 -3.07 -15.41 -22.90
C GLU A 226 -2.56 -15.45 -24.31
N LYS A 227 -3.48 -15.25 -25.26
CA LYS A 227 -3.11 -15.26 -26.66
C LYS A 227 -2.12 -14.14 -26.88
N ASP A 228 -2.42 -12.94 -26.40
CA ASP A 228 -1.48 -11.83 -26.57
C ASP A 228 -0.16 -12.00 -25.90
N PHE A 229 -0.17 -12.74 -24.80
CA PHE A 229 1.03 -13.05 -24.03
C PHE A 229 1.94 -13.87 -24.97
N ARG A 230 1.36 -14.92 -25.55
CA ARG A 230 2.13 -15.78 -26.46
C ARG A 230 2.68 -15.02 -27.66
N ASP A 231 1.98 -14.03 -28.17
CA ASP A 231 2.54 -13.33 -29.31
C ASP A 231 3.74 -12.53 -28.86
N VAL A 232 3.66 -11.87 -27.70
CA VAL A 232 4.85 -11.12 -27.33
C VAL A 232 5.98 -12.10 -26.95
N MET A 233 5.64 -13.32 -26.47
CA MET A 233 6.69 -14.26 -26.12
C MET A 233 7.42 -14.79 -27.38
N ASP A 234 6.87 -14.55 -28.57
CA ASP A 234 7.54 -14.98 -29.79
C ASP A 234 8.45 -13.90 -30.28
N GLN A 235 8.24 -12.67 -29.82
CA GLN A 235 9.12 -11.61 -30.24
C GLN A 235 9.93 -11.13 -29.07
N ILE A 236 10.07 -11.95 -28.04
CA ILE A 236 10.86 -11.51 -26.90
C ILE A 236 12.24 -11.03 -27.26
N LYS A 237 12.76 -11.44 -28.40
CA LYS A 237 14.13 -11.04 -28.76
C LYS A 237 14.34 -9.60 -29.17
N VAL A 238 13.27 -8.80 -29.23
CA VAL A 238 13.45 -7.37 -29.57
C VAL A 238 14.13 -6.70 -28.37
N PHE A 239 14.11 -7.38 -27.22
CA PHE A 239 14.69 -6.81 -26.03
C PHE A 239 16.17 -7.15 -25.89
N SER A 240 16.85 -6.46 -24.99
CA SER A 240 18.26 -6.70 -24.77
C SER A 240 18.38 -8.11 -24.20
N ILE A 241 19.56 -8.72 -24.32
CA ILE A 241 19.73 -10.10 -23.87
C ILE A 241 19.63 -10.22 -22.39
N GLU A 242 20.07 -9.19 -21.66
CA GLU A 242 19.95 -9.22 -20.21
C GLU A 242 18.53 -9.02 -19.76
N ALA A 243 17.74 -8.34 -20.58
CA ALA A 243 16.37 -8.06 -20.18
C ALA A 243 15.37 -9.14 -20.55
N GLN A 244 15.60 -9.82 -21.66
CA GLN A 244 14.71 -10.89 -22.07
C GLN A 244 14.27 -11.89 -20.97
N PRO A 245 15.22 -12.45 -20.18
CA PRO A 245 14.66 -13.36 -19.17
C PRO A 245 13.81 -12.63 -18.09
N ILE A 246 14.18 -11.38 -17.79
CA ILE A 246 13.43 -10.63 -16.79
C ILE A 246 12.02 -10.31 -17.31
N ILE A 247 11.97 -9.76 -18.53
CA ILE A 247 10.70 -9.42 -19.15
C ILE A 247 9.82 -10.67 -19.20
N GLU A 248 10.43 -11.81 -19.47
CA GLU A 248 9.68 -13.07 -19.53
C GLU A 248 9.26 -13.46 -18.11
N LEU A 249 10.10 -13.19 -17.13
CA LEU A 249 9.68 -13.52 -15.80
C LEU A 249 8.49 -12.63 -15.42
N ALA A 250 8.55 -11.33 -15.72
CA ALA A 250 7.44 -10.43 -15.38
C ALA A 250 6.13 -10.95 -15.93
N ALA A 251 6.12 -11.26 -17.22
CA ALA A 251 4.90 -11.76 -17.85
C ALA A 251 4.39 -13.07 -17.20
N ARG A 252 5.26 -14.07 -17.16
CA ARG A 252 4.85 -15.35 -16.60
C ARG A 252 4.30 -15.27 -15.17
N ILE A 253 4.74 -14.27 -14.41
CA ILE A 253 4.25 -14.13 -13.05
C ILE A 253 2.78 -13.80 -13.14
N TYR A 254 2.47 -12.94 -14.11
CA TYR A 254 1.10 -12.54 -14.34
C TYR A 254 0.29 -13.68 -15.00
N ILE A 255 0.91 -14.51 -15.85
CA ILE A 255 0.18 -15.65 -16.42
C ILE A 255 -0.13 -16.61 -15.22
N GLU A 256 0.74 -16.59 -14.21
CA GLU A 256 0.57 -17.40 -13.01
C GLU A 256 -0.64 -16.96 -12.20
N ILE A 257 -0.81 -15.63 -12.11
CA ILE A 257 -1.93 -15.05 -11.39
C ILE A 257 -3.27 -15.55 -11.97
N LEU A 258 -3.32 -15.79 -13.28
CA LEU A 258 -4.54 -16.27 -13.92
C LEU A 258 -4.81 -17.71 -13.41
N ASP A 259 -3.76 -18.51 -13.34
CA ASP A 259 -3.96 -19.85 -12.81
C ASP A 259 -4.38 -19.74 -11.35
N GLU A 260 -3.91 -18.72 -10.63
CA GLU A 260 -4.30 -18.54 -9.23
C GLU A 260 -5.76 -18.11 -9.13
N VAL A 261 -6.25 -17.32 -10.06
CA VAL A 261 -7.65 -16.97 -9.95
C VAL A 261 -8.51 -18.24 -10.17
N ARG A 262 -8.13 -19.03 -11.18
CA ARG A 262 -8.86 -20.27 -11.46
C ARG A 262 -8.93 -21.19 -10.22
N GLN A 263 -7.79 -21.37 -9.54
CA GLN A 263 -7.65 -22.21 -8.34
C GLN A 263 -8.46 -21.71 -7.11
N ALA A 264 -8.74 -20.42 -7.05
CA ALA A 264 -9.51 -19.86 -5.94
C ALA A 264 -10.93 -19.79 -6.40
N ASN A 265 -11.20 -20.47 -7.52
CA ASN A 265 -12.53 -20.51 -8.12
C ASN A 265 -13.10 -19.11 -8.44
N TYR A 266 -12.25 -18.25 -9.03
CA TYR A 266 -12.62 -16.93 -9.49
C TYR A 266 -13.21 -16.04 -8.48
N THR A 267 -12.83 -16.25 -7.24
CA THR A 267 -13.37 -15.46 -6.15
C THR A 267 -13.30 -13.95 -6.35
N LEU A 268 -14.34 -13.27 -5.92
CA LEU A 268 -14.36 -11.82 -5.96
C LEU A 268 -14.01 -11.31 -4.56
N HIS A 269 -13.71 -12.21 -3.61
CA HIS A 269 -13.47 -11.75 -2.23
C HIS A 269 -12.08 -11.87 -1.68
N GLU A 270 -11.10 -12.05 -2.54
CA GLU A 270 -9.75 -12.18 -2.06
C GLU A 270 -8.88 -11.70 -3.24
N ARG A 271 -7.64 -11.31 -2.97
CA ARG A 271 -6.72 -10.86 -4.02
C ARG A 271 -5.64 -11.91 -4.15
N VAL A 272 -5.70 -12.75 -5.15
CA VAL A 272 -4.66 -13.77 -5.25
C VAL A 272 -3.29 -13.16 -5.63
N PHE A 273 -2.23 -13.76 -5.13
CA PHE A 273 -0.88 -13.29 -5.42
C PHE A 273 0.00 -14.46 -5.73
N VAL A 274 1.20 -14.14 -6.15
CA VAL A 274 2.17 -15.17 -6.44
C VAL A 274 3.22 -15.10 -5.36
N GLU A 275 3.58 -16.28 -4.86
CA GLU A 275 4.55 -16.35 -3.78
C GLU A 275 5.98 -16.16 -4.36
N LYS A 276 6.80 -15.45 -3.57
CA LYS A 276 8.17 -15.14 -3.97
C LYS A 276 8.93 -16.40 -4.40
N ARG A 277 8.77 -17.46 -3.59
CA ARG A 277 9.42 -18.77 -3.80
C ARG A 277 9.04 -19.25 -5.19
N LYS A 278 7.74 -19.19 -5.50
CA LYS A 278 7.28 -19.58 -6.82
C LYS A 278 7.89 -18.70 -7.93
N LYS A 279 8.14 -17.39 -7.64
CA LYS A 279 8.72 -16.52 -8.68
C LYS A 279 10.11 -17.02 -9.00
N ALA A 280 10.80 -17.44 -7.96
CA ALA A 280 12.16 -17.92 -8.18
C ALA A 280 12.10 -19.20 -8.99
N LYS A 281 11.04 -19.98 -8.79
CA LYS A 281 10.93 -21.21 -9.57
C LYS A 281 10.72 -20.85 -11.02
N LEU A 282 9.73 -19.99 -11.26
CA LEU A 282 9.46 -19.59 -12.62
C LEU A 282 10.76 -19.09 -13.26
N PHE A 283 11.47 -18.22 -12.55
CA PHE A 283 12.71 -17.70 -13.14
C PHE A 283 13.66 -18.82 -13.51
N HIS A 284 13.74 -19.82 -12.63
CA HIS A 284 14.63 -20.96 -12.88
C HIS A 284 14.27 -21.71 -14.15
N GLU A 285 12.99 -21.83 -14.44
CA GLU A 285 12.57 -22.54 -15.63
C GLU A 285 12.90 -21.72 -16.88
N ILE A 286 12.58 -20.43 -16.84
CA ILE A 286 12.89 -19.58 -17.98
C ILE A 286 14.38 -19.70 -18.30
N ASN A 287 15.22 -19.60 -17.29
CA ASN A 287 16.65 -19.68 -17.50
C ASN A 287 17.13 -21.03 -18.00
N SER A 288 16.28 -22.04 -17.85
CA SER A 288 16.60 -23.37 -18.33
C SER A 288 16.82 -23.25 -19.83
N LYS A 289 15.87 -22.60 -20.52
CA LYS A 289 15.92 -22.41 -21.96
C LYS A 289 16.54 -21.06 -22.34
N TYR A 290 17.30 -20.49 -21.40
CA TYR A 290 17.98 -19.21 -21.59
C TYR A 290 19.47 -19.32 -21.29
N MET B 7 -27.26 9.23 -0.42
CA MET B 7 -25.98 9.61 0.24
C MET B 7 -25.81 11.11 0.47
N THR B 8 -25.61 11.55 1.71
CA THR B 8 -25.42 12.98 1.89
C THR B 8 -23.93 13.37 1.69
N MET B 9 -23.66 14.68 1.81
CA MET B 9 -22.29 15.16 1.67
C MET B 9 -21.45 14.55 2.79
N MET B 10 -21.97 14.61 4.02
CA MET B 10 -21.28 14.03 5.18
C MET B 10 -21.00 12.54 4.94
N ASP B 11 -21.99 11.75 4.47
CA ASP B 11 -21.77 10.33 4.20
C ASP B 11 -20.59 10.18 3.27
N MET B 12 -20.46 11.12 2.34
CA MET B 12 -19.38 11.02 1.40
C MET B 12 -18.05 11.24 2.07
N ASN B 13 -18.01 12.19 2.99
CA ASN B 13 -16.77 12.44 3.68
C ASN B 13 -16.31 11.18 4.43
N PHE B 14 -17.22 10.50 5.12
CA PHE B 14 -16.87 9.27 5.85
C PHE B 14 -16.52 8.16 4.91
N LYS B 15 -17.12 8.16 3.72
CA LYS B 15 -16.88 7.13 2.70
C LYS B 15 -15.43 7.27 2.25
N TYR B 16 -14.95 8.49 2.13
CA TYR B 16 -13.58 8.78 1.75
C TYR B 16 -12.64 8.37 2.89
N CYS B 17 -13.09 8.48 4.16
CA CYS B 17 -12.26 8.08 5.29
C CYS B 17 -12.18 6.57 5.28
N HIS B 18 -13.29 5.92 5.04
CA HIS B 18 -13.32 4.48 4.99
C HIS B 18 -12.38 3.96 3.91
N LYS B 19 -12.37 4.62 2.76
CA LYS B 19 -11.51 4.20 1.66
C LYS B 19 -10.03 4.31 2.06
N ILE B 20 -9.63 5.44 2.62
CA ILE B 20 -8.25 5.62 3.04
C ILE B 20 -7.87 4.45 3.98
N MET B 21 -8.79 4.01 4.83
CA MET B 21 -8.51 2.92 5.76
C MET B 21 -8.46 1.55 5.06
N LYS B 22 -9.31 1.30 4.07
CA LYS B 22 -9.26 0.03 3.35
C LYS B 22 -7.92 -0.06 2.62
N LYS B 23 -7.47 1.07 2.10
CA LYS B 23 -6.23 1.15 1.37
C LYS B 23 -4.97 0.94 2.21
N HIS B 24 -4.79 1.63 3.32
CA HIS B 24 -3.54 1.43 4.06
C HIS B 24 -3.48 0.36 5.16
N SER B 25 -4.64 0.03 5.70
CA SER B 25 -4.68 -0.91 6.80
C SER B 25 -5.09 -2.34 6.43
N LYS B 26 -4.15 -3.07 5.85
CA LYS B 26 -4.46 -4.43 5.49
C LYS B 26 -4.84 -5.24 6.73
N SER B 27 -4.09 -5.14 7.82
CA SER B 27 -4.44 -5.92 9.04
C SER B 27 -5.77 -5.59 9.74
N PHE B 28 -6.12 -4.30 9.85
CA PHE B 28 -7.30 -3.85 10.62
C PHE B 28 -8.63 -3.45 10.05
N SER B 29 -8.58 -2.99 8.80
CA SER B 29 -9.78 -2.61 8.12
C SER B 29 -10.83 -3.75 8.26
N TYR B 30 -10.38 -5.00 8.13
CA TYR B 30 -11.28 -6.13 8.24
C TYR B 30 -11.99 -6.12 9.56
N ALA B 31 -11.24 -5.88 10.61
CA ALA B 31 -11.78 -5.93 11.95
C ALA B 31 -12.74 -4.82 12.35
N PHE B 32 -12.29 -3.58 12.25
CA PHE B 32 -13.16 -2.48 12.66
C PHE B 32 -14.42 -2.28 11.84
N ASP B 33 -14.43 -2.81 10.61
CA ASP B 33 -15.62 -2.68 9.77
C ASP B 33 -16.78 -3.59 10.29
N LEU B 34 -16.51 -4.42 11.31
CA LEU B 34 -17.48 -5.34 11.92
C LEU B 34 -18.24 -4.62 13.04
N LEU B 35 -17.84 -3.39 13.36
CA LEU B 35 -18.50 -2.62 14.42
C LEU B 35 -19.80 -1.99 13.91
N PRO B 36 -20.69 -1.60 14.84
CA PRO B 36 -21.95 -0.97 14.47
C PRO B 36 -21.59 0.26 13.63
N GLU B 37 -22.54 0.69 12.81
CA GLU B 37 -22.38 1.80 11.89
C GLU B 37 -21.86 3.07 12.49
N ASP B 38 -22.43 3.52 13.60
CA ASP B 38 -21.98 4.79 14.18
C ASP B 38 -20.54 4.73 14.65
N GLN B 39 -20.16 3.58 15.22
CA GLN B 39 -18.80 3.37 15.73
C GLN B 39 -17.75 3.24 14.65
N ARG B 40 -18.02 2.46 13.63
CA ARG B 40 -17.04 2.26 12.58
C ARG B 40 -16.82 3.54 11.78
N LYS B 41 -17.84 4.33 11.60
CA LYS B 41 -17.66 5.59 10.89
C LYS B 41 -16.66 6.50 11.65
N ALA B 42 -16.82 6.62 12.98
CA ALA B 42 -15.91 7.45 13.77
C ALA B 42 -14.50 6.85 13.73
N VAL B 43 -14.37 5.53 13.66
CA VAL B 43 -13.04 4.91 13.56
C VAL B 43 -12.35 5.24 12.23
N TRP B 44 -13.11 5.18 11.12
CA TRP B 44 -12.56 5.52 9.80
C TRP B 44 -12.04 6.93 9.88
N ALA B 45 -12.82 7.84 10.46
CA ALA B 45 -12.39 9.23 10.56
C ALA B 45 -11.09 9.34 11.34
N ILE B 46 -11.01 8.68 12.49
CA ILE B 46 -9.77 8.80 13.30
C ILE B 46 -8.60 8.23 12.58
N TYR B 47 -8.87 7.12 11.91
CA TYR B 47 -7.82 6.43 11.18
C TYR B 47 -7.29 7.34 10.06
N ALA B 48 -8.20 7.90 9.27
CA ALA B 48 -7.86 8.79 8.16
C ALA B 48 -7.01 9.95 8.63
N VAL B 49 -7.40 10.54 9.75
CA VAL B 49 -6.62 11.66 10.28
C VAL B 49 -5.24 11.24 10.72
N CYS B 50 -5.12 10.04 11.32
CA CYS B 50 -3.79 9.62 11.80
C CYS B 50 -2.88 9.24 10.64
N ARG B 51 -3.52 8.64 9.64
CA ARG B 51 -2.88 8.15 8.42
C ARG B 51 -2.28 9.37 7.68
N LYS B 52 -3.09 10.40 7.48
CA LYS B 52 -2.62 11.61 6.83
C LYS B 52 -1.44 12.19 7.58
N ILE B 53 -1.53 12.20 8.92
CA ILE B 53 -0.46 12.72 9.77
C ILE B 53 0.81 11.90 9.63
N ASP B 54 0.67 10.60 9.54
CA ASP B 54 1.82 9.76 9.39
C ASP B 54 2.47 10.00 8.07
N ASP B 55 1.66 9.96 7.03
CA ASP B 55 2.11 10.18 5.66
C ASP B 55 2.55 11.63 5.33
N SER B 56 2.20 12.62 6.14
CA SER B 56 2.59 14.00 5.81
C SER B 56 4.11 14.07 5.81
N ILE B 57 4.72 13.27 6.65
CA ILE B 57 6.18 13.18 6.79
C ILE B 57 6.62 11.94 6.01
N ASP B 58 6.18 10.77 6.50
CA ASP B 58 6.47 9.44 5.95
C ASP B 58 6.31 9.27 4.43
N VAL B 59 5.58 10.15 3.77
CA VAL B 59 5.38 9.99 2.35
C VAL B 59 5.40 11.30 1.56
N TYR B 60 4.77 12.36 2.08
CA TYR B 60 4.74 13.63 1.33
C TYR B 60 5.89 14.58 1.70
N GLY B 61 6.79 14.12 2.54
CA GLY B 61 7.92 14.95 2.96
C GLY B 61 7.60 16.43 3.17
N ASP B 62 6.43 16.70 3.76
CA ASP B 62 6.00 18.08 3.97
C ASP B 62 5.70 18.46 5.40
N ILE B 63 6.64 19.06 6.11
CA ILE B 63 6.33 19.42 7.48
C ILE B 63 5.31 20.57 7.54
N GLN B 64 5.00 21.16 6.41
CA GLN B 64 4.05 22.27 6.41
C GLN B 64 2.61 21.77 6.23
N PHE B 65 2.46 20.65 5.53
CA PHE B 65 1.16 20.03 5.35
C PHE B 65 0.71 19.53 6.76
N LEU B 66 1.68 18.99 7.49
CA LEU B 66 1.48 18.49 8.82
C LEU B 66 1.03 19.60 9.72
N ASN B 67 1.65 20.77 9.59
CA ASN B 67 1.25 21.89 10.44
C ASN B 67 -0.16 22.37 10.11
N GLN B 68 -0.63 22.07 8.91
CA GLN B 68 -1.99 22.44 8.53
C GLN B 68 -2.96 21.51 9.27
N ILE B 69 -2.68 20.20 9.20
CA ILE B 69 -3.51 19.20 9.88
C ILE B 69 -3.65 19.61 11.33
N LYS B 70 -2.53 20.03 11.92
CA LYS B 70 -2.55 20.44 13.32
C LYS B 70 -3.43 21.68 13.54
N GLU B 71 -3.28 22.67 12.66
CA GLU B 71 -4.08 23.90 12.71
C GLU B 71 -5.55 23.47 12.61
N ASP B 72 -5.82 22.66 11.61
CA ASP B 72 -7.17 22.16 11.39
C ASP B 72 -7.76 21.52 12.65
N ILE B 73 -7.00 20.64 13.32
CA ILE B 73 -7.48 19.98 14.55
C ILE B 73 -7.74 21.00 15.68
N GLN B 74 -6.86 21.99 15.83
CA GLN B 74 -7.05 23.03 16.88
C GLN B 74 -8.23 23.91 16.47
N SER B 75 -8.36 24.23 15.16
CA SER B 75 -9.53 25.00 14.68
C SER B 75 -10.75 24.25 15.23
N ILE B 76 -10.78 22.92 15.06
CA ILE B 76 -11.89 22.05 15.53
C ILE B 76 -12.06 21.96 17.05
N GLU B 77 -10.95 21.79 17.77
CA GLU B 77 -10.99 21.71 19.23
C GLU B 77 -11.55 22.99 19.86
N LYS B 78 -11.20 24.13 19.29
CA LYS B 78 -11.64 25.41 19.80
C LYS B 78 -13.06 25.77 19.32
N TYR B 79 -13.29 25.62 18.02
CA TYR B 79 -14.58 25.93 17.40
C TYR B 79 -15.22 24.71 16.75
N PRO B 80 -15.71 23.78 17.58
CA PRO B 80 -16.37 22.54 17.15
C PRO B 80 -17.50 22.85 16.15
N TYR B 81 -18.13 23.99 16.36
CA TYR B 81 -19.25 24.45 15.55
C TYR B 81 -18.88 25.74 14.79
N GLU B 82 -18.37 25.58 13.58
CA GLU B 82 -17.96 26.69 12.73
C GLU B 82 -17.47 26.11 11.42
N TYR B 83 -17.97 26.63 10.29
CA TYR B 83 -17.48 26.11 9.02
C TYR B 83 -16.02 26.49 8.85
N HIS B 84 -15.13 25.53 8.86
CA HIS B 84 -13.75 25.90 8.74
C HIS B 84 -13.26 25.67 7.34
N HIS B 85 -12.48 26.61 6.84
CA HIS B 85 -11.92 26.40 5.52
C HIS B 85 -10.67 25.56 5.77
N PHE B 86 -10.88 24.36 6.31
CA PHE B 86 -9.77 23.46 6.61
C PHE B 86 -8.75 23.55 5.48
N GLN B 87 -7.47 23.60 5.81
CA GLN B 87 -6.48 23.67 4.75
C GLN B 87 -5.74 22.36 4.49
N SER B 88 -5.87 21.36 5.37
CA SER B 88 -5.13 20.12 5.12
C SER B 88 -5.95 19.29 4.15
N ASP B 89 -6.91 18.52 4.67
CA ASP B 89 -7.79 17.69 3.84
C ASP B 89 -9.19 17.91 4.35
N ARG B 90 -10.01 18.48 3.46
CA ARG B 90 -11.37 18.85 3.77
C ARG B 90 -12.30 17.69 4.19
N ARG B 91 -12.32 16.57 3.46
CA ARG B 91 -13.24 15.53 3.85
C ARG B 91 -12.96 15.03 5.28
N ILE B 92 -11.69 14.70 5.56
CA ILE B 92 -11.29 14.15 6.85
C ILE B 92 -11.58 15.08 7.98
N MET B 93 -11.28 16.39 7.88
CA MET B 93 -11.58 17.28 9.01
C MET B 93 -13.08 17.46 9.26
N MET B 94 -13.84 17.47 8.19
CA MET B 94 -15.30 17.54 8.29
C MET B 94 -15.75 16.22 8.98
N ALA B 95 -15.29 15.05 8.55
CA ALA B 95 -15.67 13.82 9.27
C ALA B 95 -15.19 13.89 10.74
N LEU B 96 -13.93 14.29 10.97
CA LEU B 96 -13.45 14.40 12.36
C LEU B 96 -14.26 15.40 13.15
N GLN B 97 -14.58 16.53 12.50
CA GLN B 97 -15.38 17.56 13.16
C GLN B 97 -16.76 16.99 13.49
N HIS B 98 -17.33 16.23 12.57
CA HIS B 98 -18.64 15.65 12.86
C HIS B 98 -18.49 14.68 14.06
N VAL B 99 -17.38 13.98 14.17
CA VAL B 99 -17.23 13.09 15.32
C VAL B 99 -17.01 13.87 16.61
N ALA B 100 -16.20 14.90 16.56
CA ALA B 100 -15.90 15.68 17.74
C ALA B 100 -17.16 16.26 18.37
N GLN B 101 -18.17 16.51 17.56
CA GLN B 101 -19.46 17.08 18.03
C GLN B 101 -20.36 16.06 18.71
N HIS B 102 -19.87 14.84 18.89
CA HIS B 102 -20.63 13.75 19.50
C HIS B 102 -19.86 12.98 20.54
N LYS B 103 -18.55 13.04 20.44
CA LYS B 103 -17.68 12.35 21.37
C LYS B 103 -16.66 13.32 21.91
N ASN B 104 -16.13 12.99 23.09
CA ASN B 104 -15.13 13.83 23.70
C ASN B 104 -13.76 13.36 23.24
N ILE B 105 -13.31 13.90 22.11
CA ILE B 105 -12.01 13.61 21.54
C ILE B 105 -10.82 14.13 22.35
N ALA B 106 -9.81 13.28 22.51
CA ALA B 106 -8.58 13.59 23.25
C ALA B 106 -7.57 14.29 22.33
N PHE B 107 -7.87 15.55 22.05
CA PHE B 107 -7.05 16.39 21.18
C PHE B 107 -5.58 16.38 21.53
N GLN B 108 -5.24 16.45 22.82
CA GLN B 108 -3.83 16.43 23.22
C GLN B 108 -3.09 15.15 22.71
N SER B 109 -3.85 14.06 22.51
CA SER B 109 -3.32 12.79 21.99
C SER B 109 -2.99 12.91 20.50
N PHE B 110 -3.83 13.64 19.75
CA PHE B 110 -3.49 13.87 18.36
C PHE B 110 -2.21 14.73 18.34
N TYR B 111 -2.14 15.74 19.22
CA TYR B 111 -0.96 16.62 19.24
C TYR B 111 0.27 15.84 19.66
N ASN B 112 0.09 14.83 20.53
CA ASN B 112 1.25 14.05 20.93
C ASN B 112 1.71 13.17 19.76
N LEU B 113 0.78 12.66 18.98
CA LEU B 113 1.08 11.84 17.82
C LEU B 113 1.87 12.68 16.78
N ILE B 114 1.33 13.86 16.48
CA ILE B 114 1.95 14.81 15.54
C ILE B 114 3.38 15.15 15.97
N ASP B 115 3.57 15.51 17.23
CA ASP B 115 4.90 15.79 17.71
C ASP B 115 5.80 14.57 17.54
N THR B 116 5.28 13.38 17.72
CA THR B 116 6.13 12.20 17.58
C THR B 116 6.42 11.97 16.12
N VAL B 117 5.44 12.21 15.25
CA VAL B 117 5.68 11.97 13.84
C VAL B 117 6.73 12.94 13.30
N TYR B 118 6.73 14.18 13.78
CA TYR B 118 7.77 15.08 13.33
C TYR B 118 9.16 14.56 13.72
N LYS B 119 9.38 14.33 15.01
CA LYS B 119 10.67 13.84 15.48
C LYS B 119 11.22 12.66 14.70
N ASP B 120 10.39 11.88 14.02
CA ASP B 120 10.89 10.71 13.28
C ASP B 120 11.53 11.11 11.95
N GLN B 121 11.66 12.41 11.73
CA GLN B 121 12.34 12.91 10.53
C GLN B 121 13.81 12.67 10.90
N HIS B 122 14.32 13.55 11.75
CA HIS B 122 15.67 13.46 12.27
C HIS B 122 15.77 12.32 13.29
N PHE B 123 15.48 11.11 12.84
CA PHE B 123 15.51 9.91 13.66
C PHE B 123 16.87 9.53 14.23
N THR B 124 16.84 9.03 15.46
CA THR B 124 18.04 8.57 16.16
C THR B 124 17.63 7.29 16.89
N MET B 125 18.52 6.32 16.97
CA MET B 125 18.17 5.10 17.64
C MET B 125 17.91 5.33 19.14
N PHE B 126 17.10 4.46 19.73
CA PHE B 126 16.78 4.54 21.13
C PHE B 126 17.91 4.05 22.01
N GLU B 127 18.15 4.75 23.11
CA GLU B 127 19.22 4.27 23.95
C GLU B 127 18.77 3.08 24.74
N THR B 128 17.55 3.16 25.27
CA THR B 128 17.07 2.09 26.10
C THR B 128 15.65 1.72 25.82
N ASP B 129 15.17 0.62 26.37
CA ASP B 129 13.80 0.30 26.07
C ASP B 129 12.82 1.40 26.52
N ALA B 130 13.21 2.17 27.55
CA ALA B 130 12.38 3.24 28.08
C ALA B 130 12.14 4.22 26.97
N GLU B 131 13.17 4.53 26.18
CA GLU B 131 13.01 5.45 25.09
C GLU B 131 12.20 4.81 23.98
N LEU B 132 12.34 3.50 23.80
CA LEU B 132 11.57 2.86 22.76
C LEU B 132 10.08 2.80 23.17
N PHE B 133 9.81 2.41 24.43
CA PHE B 133 8.43 2.34 24.89
C PHE B 133 7.75 3.74 24.87
N GLY B 134 8.54 4.81 25.01
CA GLY B 134 8.02 6.17 24.96
C GLY B 134 7.65 6.48 23.55
N TYR B 135 8.42 5.94 22.62
CA TYR B 135 8.06 6.16 21.22
C TYR B 135 6.79 5.36 20.90
N CYS B 136 6.62 4.18 21.48
CA CYS B 136 5.38 3.44 21.24
C CYS B 136 4.16 4.18 21.83
N TYR B 137 4.34 4.91 22.93
CA TYR B 137 3.22 5.61 23.41
C TYR B 137 2.82 6.67 22.36
N GLY B 138 3.79 7.49 21.96
CA GLY B 138 3.53 8.53 21.01
C GLY B 138 2.92 8.18 19.69
N VAL B 139 3.27 7.04 19.07
CA VAL B 139 2.68 6.74 17.78
C VAL B 139 1.49 5.85 17.89
N ALA B 140 1.33 5.13 18.98
CA ALA B 140 0.18 4.22 19.02
C ALA B 140 -0.63 4.26 20.33
N GLY B 141 -0.04 4.64 21.46
CA GLY B 141 -0.81 4.76 22.69
C GLY B 141 -1.82 5.91 22.55
N THR B 142 -1.33 7.00 21.94
CA THR B 142 -2.10 8.21 21.66
C THR B 142 -3.29 7.83 20.82
N VAL B 143 -3.08 6.88 19.91
CA VAL B 143 -4.18 6.40 19.06
C VAL B 143 -5.21 5.61 19.89
N GLY B 144 -4.78 4.83 20.88
CA GLY B 144 -5.73 4.06 21.72
C GLY B 144 -6.49 5.10 22.54
N GLU B 145 -5.84 6.21 22.92
CA GLU B 145 -6.48 7.28 23.71
C GLU B 145 -7.56 7.94 22.93
N VAL B 146 -7.27 8.36 21.69
CA VAL B 146 -8.28 8.98 20.86
C VAL B 146 -9.45 7.99 20.58
N LEU B 147 -9.17 6.72 20.39
CA LEU B 147 -10.25 5.78 20.15
C LEU B 147 -11.15 5.49 21.39
N THR B 148 -10.63 5.65 22.61
CA THR B 148 -11.36 5.31 23.82
C THR B 148 -12.81 5.80 23.94
N PRO B 149 -13.12 7.07 23.58
CA PRO B 149 -14.50 7.57 23.69
C PRO B 149 -15.39 6.89 22.69
N ILE B 150 -14.79 6.41 21.62
CA ILE B 150 -15.60 5.77 20.63
C ILE B 150 -15.93 4.29 20.96
N LEU B 151 -15.00 3.56 21.55
CA LEU B 151 -15.19 2.14 21.77
C LEU B 151 -15.65 1.81 23.18
N SER B 152 -15.94 2.86 23.93
CA SER B 152 -16.37 2.76 25.29
C SER B 152 -17.38 3.81 25.72
N ASP B 153 -18.17 3.40 26.71
CA ASP B 153 -19.19 4.18 27.36
C ASP B 153 -18.66 4.70 28.70
N HIS B 154 -17.69 3.97 29.25
CA HIS B 154 -17.04 4.37 30.51
C HIS B 154 -15.69 5.01 30.17
N GLU B 155 -15.60 6.31 30.20
CA GLU B 155 -14.31 6.82 29.86
C GLU B 155 -13.58 7.20 31.13
N THR B 156 -13.09 6.16 31.81
CA THR B 156 -12.37 6.37 33.02
C THR B 156 -10.92 6.16 32.68
N HIS B 157 -10.05 6.47 33.63
CA HIS B 157 -8.62 6.30 33.47
C HIS B 157 -8.28 4.82 33.27
N GLN B 158 -9.09 3.90 33.79
CA GLN B 158 -8.72 2.51 33.59
C GLN B 158 -8.98 2.22 32.09
N THR B 159 -10.02 2.83 31.51
CA THR B 159 -10.32 2.59 30.08
C THR B 159 -9.19 3.14 29.20
N TYR B 160 -8.84 4.41 29.40
CA TYR B 160 -7.75 5.00 28.62
C TYR B 160 -6.50 4.17 28.86
N ASP B 161 -6.31 3.72 30.07
CA ASP B 161 -5.12 2.98 30.36
C ASP B 161 -5.00 1.60 29.63
N VAL B 162 -6.11 0.94 29.36
CA VAL B 162 -6.12 -0.33 28.65
C VAL B 162 -5.91 -0.07 27.13
N ALA B 163 -6.61 0.94 26.62
CA ALA B 163 -6.50 1.30 25.21
C ALA B 163 -5.07 1.66 24.87
N ARG B 164 -4.45 2.39 25.79
CA ARG B 164 -3.09 2.83 25.63
C ARG B 164 -2.08 1.67 25.61
N ARG B 165 -2.21 0.75 26.56
CA ARG B 165 -1.36 -0.40 26.66
C ARG B 165 -1.65 -1.29 25.46
N LEU B 166 -2.90 -1.40 25.03
CA LEU B 166 -3.16 -2.21 23.85
C LEU B 166 -2.45 -1.58 22.62
N GLY B 167 -2.56 -0.26 22.50
CA GLY B 167 -1.98 0.50 21.40
C GLY B 167 -0.49 0.29 21.32
N GLU B 168 0.19 0.44 22.44
CA GLU B 168 1.64 0.23 22.49
C GLU B 168 2.09 -1.24 22.26
N SER B 169 1.29 -2.23 22.63
CA SER B 169 1.67 -3.63 22.40
C SER B 169 1.58 -3.89 20.91
N LEU B 170 0.57 -3.33 20.31
CA LEU B 170 0.43 -3.50 18.88
C LEU B 170 1.57 -2.80 18.10
N GLN B 171 2.07 -1.67 18.61
CA GLN B 171 3.13 -0.98 17.91
C GLN B 171 4.39 -1.84 18.00
N LEU B 172 4.59 -2.46 19.15
CA LEU B 172 5.74 -3.33 19.40
C LEU B 172 5.72 -4.52 18.42
N ILE B 173 4.56 -5.14 18.24
CA ILE B 173 4.36 -6.26 17.30
C ILE B 173 4.61 -5.79 15.88
N ASN B 174 4.17 -4.56 15.57
CA ASN B 174 4.40 -3.99 14.24
C ASN B 174 5.94 -3.81 14.04
N ILE B 175 6.66 -3.51 15.10
CA ILE B 175 8.11 -3.37 15.02
C ILE B 175 8.77 -4.75 14.72
N LEU B 176 8.22 -5.79 15.33
CA LEU B 176 8.71 -7.15 15.24
C LEU B 176 8.43 -7.77 13.88
N ARG B 177 7.40 -7.32 13.19
CA ARG B 177 7.08 -7.76 11.85
C ARG B 177 7.98 -7.01 10.83
N ASP B 178 8.31 -5.76 11.09
CA ASP B 178 9.00 -4.96 10.08
C ASP B 178 10.52 -4.78 10.19
N VAL B 179 11.21 -5.57 11.02
CA VAL B 179 12.64 -5.36 11.18
C VAL B 179 13.34 -5.19 9.84
N GLY B 180 13.14 -6.13 8.91
CA GLY B 180 13.80 -6.03 7.62
C GLY B 180 13.53 -4.75 6.86
N GLU B 181 12.25 -4.50 6.63
CA GLU B 181 11.82 -3.30 5.93
C GLU B 181 12.25 -2.04 6.61
N ASP B 182 12.24 -2.00 7.93
CA ASP B 182 12.68 -0.77 8.59
C ASP B 182 14.20 -0.59 8.40
N PHE B 183 14.93 -1.71 8.45
CA PHE B 183 16.35 -1.59 8.26
C PHE B 183 16.64 -0.99 6.88
N GLU B 184 15.99 -1.52 5.83
CA GLU B 184 16.17 -1.00 4.48
C GLU B 184 15.83 0.50 4.41
N ASN B 185 14.96 0.96 5.29
CA ASN B 185 14.65 2.40 5.30
C ASN B 185 15.47 3.10 6.39
N GLU B 186 16.57 2.43 6.75
CA GLU B 186 17.53 2.90 7.73
C GLU B 186 17.01 3.28 9.10
N ARG B 187 16.28 2.35 9.69
CA ARG B 187 15.75 2.56 11.00
C ARG B 187 15.77 1.24 11.73
N ILE B 188 16.24 1.30 12.96
CA ILE B 188 16.29 0.16 13.81
C ILE B 188 15.57 0.65 15.04
N TYR B 189 14.59 -0.15 15.47
CA TYR B 189 13.77 0.15 16.61
C TYR B 189 14.21 -0.49 17.92
N PHE B 190 14.89 -1.63 17.86
CA PHE B 190 15.40 -2.21 19.10
C PHE B 190 16.35 -1.14 19.71
N SER B 191 16.47 -1.13 21.03
CA SER B 191 17.33 -0.15 21.70
C SER B 191 18.79 -0.62 21.69
N LYS B 192 19.71 0.33 21.67
CA LYS B 192 21.15 0.02 21.71
C LYS B 192 21.47 -0.84 22.94
N GLN B 193 20.95 -0.47 24.11
CA GLN B 193 21.25 -1.29 25.27
C GLN B 193 20.96 -2.77 24.98
N ARG B 194 19.72 -3.11 24.62
CA ARG B 194 19.35 -4.51 24.36
C ARG B 194 20.07 -5.19 23.23
N LEU B 195 20.46 -4.42 22.21
CA LEU B 195 21.21 -4.96 21.06
C LEU B 195 22.61 -5.34 21.54
N LYS B 196 23.19 -4.52 22.42
CA LYS B 196 24.50 -4.84 22.99
C LYS B 196 24.36 -6.08 23.88
N GLN B 197 23.44 -6.03 24.83
CA GLN B 197 23.24 -7.16 25.72
C GLN B 197 23.10 -8.52 25.04
N TYR B 198 22.38 -8.57 23.91
CA TYR B 198 22.17 -9.85 23.18
C TYR B 198 23.18 -9.99 22.03
N GLU B 199 24.13 -9.09 21.95
CA GLU B 199 25.13 -9.16 20.90
C GLU B 199 24.54 -9.34 19.49
N VAL B 200 23.75 -8.36 19.07
CA VAL B 200 23.11 -8.41 17.78
C VAL B 200 23.39 -7.12 16.98
N ASP B 201 23.71 -7.28 15.69
CA ASP B 201 23.97 -6.15 14.81
C ASP B 201 22.97 -6.44 13.70
N ILE B 202 21.98 -5.55 13.57
CA ILE B 202 20.94 -5.78 12.58
C ILE B 202 21.46 -5.78 11.14
N ALA B 203 22.40 -4.89 10.80
CA ALA B 203 22.95 -4.85 9.45
C ALA B 203 23.61 -6.20 9.02
N GLU B 204 24.10 -6.98 9.99
CA GLU B 204 24.75 -8.27 9.75
C GLU B 204 23.75 -9.41 9.60
N VAL B 205 22.66 -9.41 10.38
CA VAL B 205 21.70 -10.49 10.21
C VAL B 205 20.87 -10.20 8.96
N TYR B 206 20.78 -8.95 8.56
CA TYR B 206 20.02 -8.65 7.35
C TYR B 206 20.85 -9.25 6.19
N GLN B 207 22.17 -9.14 6.28
CA GLN B 207 22.99 -9.67 5.21
C GLN B 207 23.25 -11.17 5.26
N ASN B 208 23.36 -11.76 6.44
CA ASN B 208 23.63 -13.21 6.54
C ASN B 208 22.55 -14.12 7.06
N GLY B 209 21.44 -13.53 7.53
CA GLY B 209 20.36 -14.34 8.04
C GLY B 209 20.26 -14.42 9.56
N VAL B 210 19.18 -15.02 10.02
CA VAL B 210 18.93 -15.19 11.43
C VAL B 210 20.07 -15.96 12.09
N ASN B 211 20.21 -15.83 13.40
CA ASN B 211 21.21 -16.55 14.19
C ASN B 211 20.59 -16.55 15.60
N ASN B 212 20.91 -17.53 16.44
CA ASN B 212 20.28 -17.60 17.75
C ASN B 212 20.29 -16.38 18.65
N HIS B 213 21.22 -15.47 18.40
CA HIS B 213 21.23 -14.26 19.20
C HIS B 213 20.02 -13.43 18.80
N TYR B 214 19.89 -13.17 17.50
CA TYR B 214 18.78 -12.36 17.01
C TYR B 214 17.49 -12.99 17.49
N ILE B 215 17.30 -14.26 17.21
CA ILE B 215 16.07 -14.91 17.64
C ILE B 215 15.76 -14.62 19.10
N ASP B 216 16.77 -14.79 19.95
CA ASP B 216 16.63 -14.54 21.39
C ASP B 216 16.18 -13.11 21.67
N LEU B 217 16.73 -12.16 20.93
CA LEU B 217 16.37 -10.77 21.15
C LEU B 217 14.91 -10.49 20.70
N TRP B 218 14.57 -11.05 19.55
CA TRP B 218 13.28 -10.90 18.96
C TRP B 218 12.26 -11.51 19.89
N GLU B 219 12.57 -12.66 20.48
CA GLU B 219 11.64 -13.30 21.40
C GLU B 219 11.52 -12.62 22.75
N TYR B 220 12.51 -11.82 23.11
CA TYR B 220 12.48 -11.08 24.37
C TYR B 220 11.42 -9.98 24.26
N TYR B 221 11.36 -9.29 23.10
CA TYR B 221 10.34 -8.28 22.88
C TYR B 221 9.00 -8.89 22.58
N ALA B 222 9.00 -10.06 21.94
CA ALA B 222 7.74 -10.70 21.63
C ALA B 222 7.03 -11.14 22.94
N ALA B 223 7.81 -11.50 23.96
CA ALA B 223 7.24 -11.90 25.27
C ALA B 223 6.62 -10.68 25.96
N ILE B 224 7.26 -9.54 25.85
CA ILE B 224 6.75 -8.29 26.41
C ILE B 224 5.41 -7.96 25.77
N ALA B 225 5.37 -7.96 24.42
CA ALA B 225 4.12 -7.67 23.72
C ALA B 225 3.08 -8.70 24.08
N GLU B 226 3.47 -9.99 24.12
CA GLU B 226 2.52 -11.06 24.48
C GLU B 226 1.98 -10.89 25.89
N LYS B 227 2.83 -10.60 26.86
CA LYS B 227 2.30 -10.42 28.19
C LYS B 227 1.28 -9.29 28.22
N ASP B 228 1.57 -8.15 27.57
CA ASP B 228 0.63 -7.03 27.61
C ASP B 228 -0.68 -7.33 26.97
N PHE B 229 -0.65 -8.12 25.91
CA PHE B 229 -1.88 -8.54 25.23
C PHE B 229 -2.75 -9.29 26.25
N ARG B 230 -2.14 -10.21 26.99
CA ARG B 230 -2.87 -10.97 28.01
C ARG B 230 -3.43 -10.07 29.12
N ASP B 231 -2.66 -9.09 29.57
CA ASP B 231 -3.19 -8.23 30.62
C ASP B 231 -4.37 -7.42 30.09
N VAL B 232 -4.28 -6.97 28.83
CA VAL B 232 -5.35 -6.23 28.16
C VAL B 232 -6.59 -7.10 27.96
N MET B 233 -6.38 -8.37 27.63
CA MET B 233 -7.55 -9.24 27.44
C MET B 233 -8.32 -9.38 28.77
N ASP B 234 -7.61 -9.43 29.90
CA ASP B 234 -8.28 -9.49 31.22
C ASP B 234 -9.16 -8.29 31.51
N GLN B 235 -8.92 -7.13 30.87
CA GLN B 235 -9.76 -5.96 31.13
C GLN B 235 -10.61 -5.56 29.97
N ILE B 236 -10.79 -6.49 29.06
CA ILE B 236 -11.56 -6.24 27.88
C ILE B 236 -12.91 -5.63 28.19
N LYS B 237 -13.42 -5.95 29.37
CA LYS B 237 -14.76 -5.48 29.77
C LYS B 237 -14.93 -3.99 29.99
N VAL B 238 -13.83 -3.25 29.84
CA VAL B 238 -13.86 -1.81 29.96
C VAL B 238 -14.44 -1.21 28.66
N PHE B 239 -14.44 -1.99 27.58
CA PHE B 239 -14.99 -1.46 26.31
C PHE B 239 -16.48 -1.85 26.21
N SER B 240 -17.22 -1.14 25.35
CA SER B 240 -18.64 -1.36 25.13
C SER B 240 -18.79 -2.80 24.65
N ILE B 241 -19.96 -3.41 24.87
CA ILE B 241 -20.15 -4.83 24.55
C ILE B 241 -20.05 -5.12 23.06
N GLU B 242 -20.55 -4.22 22.23
CA GLU B 242 -20.46 -4.44 20.80
C GLU B 242 -19.04 -4.29 20.31
N ALA B 243 -18.19 -3.60 21.06
CA ALA B 243 -16.81 -3.41 20.61
C ALA B 243 -15.79 -4.48 21.06
N GLN B 244 -16.08 -5.13 22.20
CA GLN B 244 -15.18 -6.14 22.74
C GLN B 244 -14.69 -7.19 21.75
N PRO B 245 -15.62 -7.85 21.04
CA PRO B 245 -15.24 -8.87 20.05
C PRO B 245 -14.29 -8.27 18.99
N ILE B 246 -14.61 -7.06 18.55
CA ILE B 246 -13.82 -6.38 17.53
C ILE B 246 -12.44 -6.02 18.03
N ILE B 247 -12.38 -5.45 19.22
CA ILE B 247 -11.07 -5.10 19.74
C ILE B 247 -10.22 -6.38 19.90
N GLU B 248 -10.86 -7.50 20.24
CA GLU B 248 -10.14 -8.75 20.43
C GLU B 248 -9.66 -9.31 19.09
N LEU B 249 -10.50 -9.16 18.09
CA LEU B 249 -10.07 -9.62 16.81
C LEU B 249 -8.86 -8.80 16.41
N ALA B 250 -8.93 -7.46 16.51
CA ALA B 250 -7.79 -6.59 16.11
C ALA B 250 -6.52 -7.08 16.71
N ALA B 251 -6.57 -7.29 18.01
CA ALA B 251 -5.45 -7.75 18.78
C ALA B 251 -4.92 -9.17 18.43
N ARG B 252 -5.82 -10.11 18.18
CA ARG B 252 -5.41 -11.47 17.91
C ARG B 252 -4.81 -11.56 16.53
N ILE B 253 -5.27 -10.68 15.64
CA ILE B 253 -4.72 -10.66 14.32
C ILE B 253 -3.23 -10.31 14.42
N TYR B 254 -2.90 -9.41 15.37
CA TYR B 254 -1.52 -9.02 15.54
C TYR B 254 -0.76 -10.05 16.35
N ILE B 255 -1.43 -10.72 17.28
CA ILE B 255 -0.72 -11.77 18.03
C ILE B 255 -0.36 -12.90 17.00
N GLU B 256 -1.18 -12.99 15.95
CA GLU B 256 -1.01 -13.97 14.91
C GLU B 256 0.12 -13.59 13.95
N ILE B 257 0.35 -12.31 13.81
CA ILE B 257 1.43 -11.87 12.94
C ILE B 257 2.75 -12.36 13.54
N LEU B 258 2.82 -12.38 14.86
CA LEU B 258 4.01 -12.84 15.54
C LEU B 258 4.29 -14.26 15.12
N ASP B 259 3.24 -15.05 14.98
CA ASP B 259 3.41 -16.43 14.58
C ASP B 259 3.83 -16.54 13.14
N GLU B 260 3.29 -15.66 12.30
CA GLU B 260 3.71 -15.71 10.92
C GLU B 260 5.21 -15.42 10.88
N VAL B 261 5.72 -14.56 11.75
CA VAL B 261 7.16 -14.31 11.66
C VAL B 261 7.98 -15.54 12.08
N ARG B 262 7.52 -16.23 13.11
CA ARG B 262 8.22 -17.41 13.58
C ARG B 262 8.26 -18.45 12.44
N GLN B 263 7.08 -18.82 11.90
CA GLN B 263 7.00 -19.79 10.81
C GLN B 263 7.80 -19.39 9.58
N ALA B 264 8.04 -18.10 9.40
CA ALA B 264 8.85 -17.63 8.25
C ALA B 264 10.30 -17.49 8.69
N ASN B 265 10.54 -18.03 9.88
CA ASN B 265 11.85 -18.07 10.52
C ASN B 265 12.54 -16.75 10.72
N TYR B 266 11.75 -15.77 11.18
CA TYR B 266 12.22 -14.42 11.46
C TYR B 266 12.85 -13.72 10.27
N THR B 267 12.35 -14.00 9.08
CA THR B 267 12.96 -13.42 7.88
C THR B 267 12.96 -11.87 7.80
N LEU B 268 14.14 -11.29 7.68
CA LEU B 268 14.18 -9.85 7.51
C LEU B 268 13.91 -9.50 6.04
N HIS B 269 13.53 -10.47 5.23
CA HIS B 269 13.31 -10.20 3.82
C HIS B 269 11.92 -10.35 3.30
N GLU B 270 11.00 -10.56 4.21
CA GLU B 270 9.63 -10.73 3.81
C GLU B 270 8.77 -9.99 4.83
N ARG B 271 7.67 -9.43 4.36
CA ARG B 271 6.72 -8.76 5.22
C ARG B 271 5.63 -9.82 5.36
N VAL B 272 5.58 -10.56 6.46
CA VAL B 272 4.55 -11.56 6.55
C VAL B 272 3.23 -10.83 6.76
N PHE B 273 2.13 -11.59 6.73
CA PHE B 273 0.76 -11.08 6.88
C PHE B 273 -0.24 -12.21 7.00
N VAL B 274 -1.33 -11.96 7.74
CA VAL B 274 -2.42 -12.91 8.00
C VAL B 274 -3.44 -12.86 6.84
N GLU B 275 -3.98 -14.01 6.33
CA GLU B 275 -4.94 -13.85 5.20
C GLU B 275 -6.40 -13.62 5.72
N LYS B 276 -7.21 -13.02 4.86
CA LYS B 276 -8.56 -12.76 5.20
C LYS B 276 -9.17 -14.03 5.76
N ARG B 277 -8.92 -15.17 5.12
CA ARG B 277 -9.49 -16.42 5.62
C ARG B 277 -9.24 -16.65 7.10
N LYS B 278 -7.99 -16.45 7.52
CA LYS B 278 -7.58 -16.62 8.92
C LYS B 278 -8.31 -15.66 9.87
N LYS B 279 -8.33 -14.38 9.51
CA LYS B 279 -9.00 -13.37 10.34
C LYS B 279 -10.42 -13.82 10.61
N ALA B 280 -11.09 -14.37 9.59
CA ALA B 280 -12.47 -14.86 9.82
C ALA B 280 -12.43 -16.08 10.76
N LYS B 281 -11.44 -16.95 10.57
CA LYS B 281 -11.33 -18.10 11.46
C LYS B 281 -11.17 -17.55 12.89
N LEU B 282 -10.24 -16.60 13.10
CA LEU B 282 -10.08 -16.04 14.45
C LEU B 282 -11.35 -15.34 14.96
N PHE B 283 -12.08 -14.64 14.11
CA PHE B 283 -13.26 -13.95 14.60
C PHE B 283 -14.30 -14.96 15.07
N HIS B 284 -14.41 -16.07 14.32
CA HIS B 284 -15.37 -17.16 14.67
C HIS B 284 -15.04 -17.72 16.07
N GLU B 285 -13.77 -17.94 16.33
CA GLU B 285 -13.35 -18.42 17.64
C GLU B 285 -13.66 -17.44 18.78
N ILE B 286 -13.49 -16.14 18.53
CA ILE B 286 -13.73 -15.11 19.56
C ILE B 286 -15.22 -15.10 19.92
N ASN B 287 -16.08 -15.25 18.92
CA ASN B 287 -17.53 -15.24 19.19
C ASN B 287 -18.11 -16.55 19.72
N SER B 288 -17.32 -17.62 19.68
CA SER B 288 -17.71 -18.92 20.21
C SER B 288 -17.38 -18.81 21.69
N LYS B 289 -17.32 -17.56 22.14
CA LYS B 289 -17.01 -17.18 23.51
C LYS B 289 -18.01 -16.09 23.88
N TYR B 290 -18.27 -15.19 22.92
CA TYR B 290 -19.24 -14.11 23.10
C TYR B 290 -20.59 -14.61 22.60
#